data_6Q57
#
_entry.id   6Q57
#
_cell.length_a   26.863
_cell.length_b   68.697
_cell.length_c   157.309
_cell.angle_alpha   90.000
_cell.angle_beta   90.000
_cell.angle_gamma   90.000
#
_symmetry.space_group_name_H-M   'P 21 21 21'
#
loop_
_entity.id
_entity.type
_entity.pdbx_description
1 polymer 'tetrahydrofolate riboswitch aptamer'
2 non-polymer 5-deazatetrahydropterin
3 non-polymer 'MAGNESIUM ION'
4 water water
#
_entity_poly.entity_id   1
_entity_poly.type   'polyribonucleotide'
_entity_poly.pdbx_seq_one_letter_code
;GGAGAGUAGAUGAUUCGCGUUAAGUGUGUGUGAAUGGGAUGUCGUCACACAACGAAGCGAGAGCGCGGUGAAUCAUUGCA
UCCGCUCCA
;
_entity_poly.pdbx_strand_id   A
#